data_8C4F
#
_entry.id   8C4F
#
_cell.length_a   81.703
_cell.length_b   111.843
_cell.length_c   62.472
_cell.angle_alpha   90.00
_cell.angle_beta   90.00
_cell.angle_gamma   90.00
#
_symmetry.space_group_name_H-M   'C 2 2 21'
#
loop_
_entity.id
_entity.type
_entity.pdbx_description
1 polymer '14-3-3 protein sigma'
2 polymer 'ERalpha peptide'
3 non-polymer 'MAGNESIUM ION'
4 non-polymer 5-(cyclohexylamino)-4-phenyl-thiophene-2-carboximidamide
5 water water
#
loop_
_entity_poly.entity_id
_entity_poly.type
_entity_poly.pdbx_seq_one_letter_code
_entity_poly.pdbx_strand_id
1 'polypeptide(L)'
;GAMGSMERASLIQKAKLAEQAERYEDMAAFMKGAVEKGEELSCEERNLLSVAYKNVVGGQRAAWRVLSSIEQKSNEEGSE
EKGPEVREYREKVETELQGVCDTVLGLLDSHLIKEAGDAESRVFYLKMKGDYYRYLAEVATGDDKKRIIDSARSAYQEAM
DISKKEMPPTNPIRLGLALNFSVFHYEIANSPEEAISLAKTTFDEAMADLHTLSEDSYKDSTLIMQLLRDNLTLWT
;
A
2 'polypeptide(L)' FPA(TPO)V B
#
loop_
_chem_comp.id
_chem_comp.type
_chem_comp.name
_chem_comp.formula
MG non-polymer 'MAGNESIUM ION' 'Mg 2'
TG9 non-polymer 5-(cyclohexylamino)-4-phenyl-thiophene-2-carboximidamide 'C17 H21 N3 S'
#
# COMPACT_ATOMS: atom_id res chain seq x y z
N GLY A 1 1.10 -22.13 -11.32
CA GLY A 1 2.24 -21.40 -10.64
C GLY A 1 3.53 -21.52 -11.43
N ALA A 2 3.86 -20.46 -12.17
CA ALA A 2 5.06 -20.48 -13.00
C ALA A 2 6.34 -20.63 -12.17
N MET A 3 6.29 -20.30 -10.88
CA MET A 3 7.43 -20.46 -9.98
C MET A 3 7.38 -21.73 -9.16
N GLY A 4 6.44 -22.62 -9.46
CA GLY A 4 6.26 -23.81 -8.65
C GLY A 4 7.47 -24.71 -8.59
N SER A 5 8.31 -24.70 -9.62
CA SER A 5 9.46 -25.60 -9.63
C SER A 5 10.71 -25.00 -9.00
N MET A 6 10.69 -23.74 -8.58
CA MET A 6 11.85 -23.13 -7.97
C MET A 6 11.81 -23.17 -6.45
N GLU A 7 12.96 -23.49 -5.86
CA GLU A 7 13.10 -23.52 -4.40
C GLU A 7 12.67 -22.20 -3.78
N ARG A 8 12.04 -22.29 -2.62
CA ARG A 8 11.67 -21.07 -1.88
C ARG A 8 12.89 -20.18 -1.67
N ALA A 9 14.00 -20.73 -1.17
CA ALA A 9 15.15 -19.89 -0.88
C ALA A 9 15.69 -19.23 -2.14
N SER A 10 15.63 -19.94 -3.27
CA SER A 10 16.11 -19.39 -4.53
C SER A 10 15.21 -18.25 -5.01
N LEU A 11 13.90 -18.37 -4.78
CA LEU A 11 12.99 -17.29 -5.11
C LEU A 11 13.28 -16.04 -4.29
N ILE A 12 13.51 -16.21 -2.99
CA ILE A 12 13.87 -15.07 -2.15
C ILE A 12 15.19 -14.44 -2.58
N GLN A 13 16.21 -15.27 -2.87
CA GLN A 13 17.50 -14.74 -3.35
C GLN A 13 17.29 -13.96 -4.64
N LYS A 14 16.51 -14.50 -5.57
CA LYS A 14 16.30 -13.80 -6.84
C LYS A 14 15.47 -12.54 -6.67
N ALA A 15 14.52 -12.52 -5.73
CA ALA A 15 13.85 -11.26 -5.41
C ALA A 15 14.83 -10.18 -4.98
N LYS A 16 15.79 -10.53 -4.12
CA LYS A 16 16.80 -9.57 -3.70
C LYS A 16 17.65 -9.11 -4.88
N LEU A 17 18.04 -10.02 -5.77
CA LEU A 17 18.79 -9.64 -6.96
C LEU A 17 17.98 -8.72 -7.87
N ALA A 18 16.70 -9.05 -8.08
CA ALA A 18 15.82 -8.22 -8.90
C ALA A 18 15.70 -6.82 -8.31
N GLU A 19 15.59 -6.71 -6.99
CA GLU A 19 15.58 -5.39 -6.36
C GLU A 19 16.83 -4.58 -6.70
N GLN A 20 18.01 -5.21 -6.59
CA GLN A 20 19.25 -4.49 -6.88
C GLN A 20 19.28 -4.05 -8.33
N ALA A 21 18.69 -4.85 -9.23
CA ALA A 21 18.64 -4.52 -10.65
C ALA A 21 17.44 -3.65 -11.02
N GLU A 22 16.65 -3.21 -10.04
CA GLU A 22 15.45 -2.40 -10.30
C GLU A 22 14.49 -3.07 -11.27
N ARG A 23 14.37 -4.39 -11.16
CA ARG A 23 13.45 -5.21 -11.94
C ARG A 23 12.27 -5.60 -11.03
N TYR A 24 11.39 -4.64 -10.81
CA TYR A 24 10.38 -4.85 -9.77
C TYR A 24 9.28 -5.81 -10.19
N GLU A 25 8.94 -5.88 -11.48
N GLU A 25 8.95 -5.87 -11.47
CA GLU A 25 7.99 -6.89 -11.93
CA GLU A 25 8.01 -6.88 -11.95
C GLU A 25 8.54 -8.29 -11.68
C GLU A 25 8.54 -8.28 -11.69
N ASP A 26 9.83 -8.52 -11.98
CA ASP A 26 10.44 -9.80 -11.65
C ASP A 26 10.42 -10.03 -10.14
N MET A 27 10.77 -9.01 -9.37
CA MET A 27 10.83 -9.14 -7.91
C MET A 27 9.45 -9.58 -7.39
N ALA A 28 8.39 -8.97 -7.91
CA ALA A 28 7.04 -9.35 -7.49
C ALA A 28 6.69 -10.78 -7.87
N ALA A 29 7.04 -11.21 -9.09
CA ALA A 29 6.76 -12.58 -9.48
C ALA A 29 7.50 -13.57 -8.59
N PHE A 30 8.75 -13.27 -8.24
CA PHE A 30 9.51 -14.15 -7.37
C PHE A 30 8.85 -14.24 -5.98
N MET A 31 8.46 -13.09 -5.44
CA MET A 31 7.84 -13.09 -4.13
C MET A 31 6.45 -13.72 -4.13
N LYS A 32 5.66 -13.56 -5.20
CA LYS A 32 4.42 -14.32 -5.33
C LYS A 32 4.71 -15.83 -5.28
N GLY A 33 5.71 -16.28 -6.04
CA GLY A 33 6.09 -17.68 -5.96
C GLY A 33 6.46 -18.10 -4.56
N ALA A 34 7.22 -17.27 -3.84
CA ALA A 34 7.59 -17.60 -2.46
C ALA A 34 6.36 -17.74 -1.56
N VAL A 35 5.43 -16.78 -1.66
CA VAL A 35 4.20 -16.87 -0.88
C VAL A 35 3.47 -18.17 -1.18
N GLU A 36 3.38 -18.52 -2.46
CA GLU A 36 2.64 -19.71 -2.87
C GLU A 36 3.29 -21.01 -2.41
N LYS A 37 4.50 -20.98 -1.84
CA LYS A 37 5.04 -22.16 -1.18
C LYS A 37 4.24 -22.54 0.05
N GLY A 38 3.44 -21.61 0.59
CA GLY A 38 2.54 -21.93 1.70
C GLY A 38 3.08 -21.70 3.09
N GLU A 39 4.36 -21.40 3.23
CA GLU A 39 4.95 -21.10 4.53
C GLU A 39 4.72 -19.63 4.88
N GLU A 40 4.64 -19.35 6.19
CA GLU A 40 4.61 -17.97 6.64
C GLU A 40 5.88 -17.24 6.19
N LEU A 41 5.81 -15.91 6.15
CA LEU A 41 6.90 -15.06 5.71
C LEU A 41 7.57 -14.41 6.91
N SER A 42 8.89 -14.33 6.86
CA SER A 42 9.61 -13.59 7.88
C SER A 42 9.45 -12.08 7.67
N CYS A 43 9.96 -11.30 8.61
CA CYS A 43 9.84 -9.85 8.47
C CYS A 43 10.53 -9.38 7.18
N GLU A 44 11.76 -9.83 6.93
CA GLU A 44 12.46 -9.41 5.73
C GLU A 44 11.68 -9.80 4.49
N GLU A 45 11.16 -11.03 4.47
CA GLU A 45 10.41 -11.53 3.32
C GLU A 45 9.12 -10.72 3.10
N ARG A 46 8.43 -10.35 4.18
CA ARG A 46 7.22 -9.52 4.04
C ARG A 46 7.55 -8.19 3.39
N ASN A 47 8.67 -7.59 3.77
CA ASN A 47 9.07 -6.32 3.17
C ASN A 47 9.56 -6.48 1.74
N LEU A 48 10.17 -7.61 1.37
CA LEU A 48 10.46 -7.83 -0.04
C LEU A 48 9.17 -7.88 -0.84
N LEU A 49 8.16 -8.57 -0.32
CA LEU A 49 6.88 -8.65 -1.01
C LEU A 49 6.28 -7.26 -1.19
N SER A 50 6.27 -6.47 -0.12
CA SER A 50 5.60 -5.18 -0.20
C SER A 50 6.37 -4.23 -1.11
N VAL A 51 7.71 -4.21 -1.01
CA VAL A 51 8.51 -3.35 -1.87
C VAL A 51 8.23 -3.67 -3.33
N ALA A 52 8.17 -4.95 -3.67
CA ALA A 52 8.02 -5.34 -5.06
C ALA A 52 6.70 -4.83 -5.62
N TYR A 53 5.61 -5.19 -4.98
CA TYR A 53 4.31 -4.80 -5.48
C TYR A 53 4.06 -3.30 -5.36
N LYS A 54 4.63 -2.64 -4.35
CA LYS A 54 4.45 -1.20 -4.25
C LYS A 54 5.05 -0.49 -5.46
N ASN A 55 6.21 -0.94 -5.92
CA ASN A 55 6.85 -0.33 -7.08
C ASN A 55 6.07 -0.62 -8.34
N VAL A 56 5.57 -1.85 -8.47
CA VAL A 56 4.81 -2.19 -9.66
C VAL A 56 3.53 -1.36 -9.73
N VAL A 57 2.72 -1.41 -8.67
CA VAL A 57 1.45 -0.68 -8.69
C VAL A 57 1.69 0.82 -8.71
N GLY A 58 2.80 1.28 -8.14
CA GLY A 58 3.09 2.71 -8.16
C GLY A 58 3.31 3.23 -9.56
N GLY A 59 4.04 2.47 -10.38
CA GLY A 59 4.19 2.84 -11.77
C GLY A 59 2.88 2.85 -12.50
N GLN A 60 2.03 1.84 -12.24
CA GLN A 60 0.71 1.77 -12.87
C GLN A 60 -0.15 2.97 -12.47
N ARG A 61 -0.16 3.33 -11.19
CA ARG A 61 -0.92 4.47 -10.72
C ARG A 61 -0.45 5.76 -11.36
N ALA A 62 0.86 5.94 -11.45
CA ALA A 62 1.40 7.13 -12.08
C ALA A 62 0.95 7.21 -13.51
N ALA A 63 1.02 6.09 -14.23
CA ALA A 63 0.58 6.09 -15.63
C ALA A 63 -0.92 6.36 -15.74
N TRP A 64 -1.73 5.73 -14.88
CA TRP A 64 -3.17 5.95 -14.90
C TRP A 64 -3.51 7.41 -14.68
N ARG A 65 -2.77 8.08 -13.79
CA ARG A 65 -3.09 9.48 -13.53
C ARG A 65 -2.78 10.34 -14.74
N VAL A 66 -1.66 10.08 -15.41
CA VAL A 66 -1.32 10.81 -16.64
C VAL A 66 -2.43 10.62 -17.66
N LEU A 67 -2.84 9.37 -17.88
CA LEU A 67 -3.84 9.08 -18.89
C LEU A 67 -5.22 9.64 -18.51
N SER A 68 -5.58 9.56 -17.22
CA SER A 68 -6.85 10.11 -16.77
C SER A 68 -6.90 11.62 -16.97
N SER A 69 -5.77 12.31 -16.75
CA SER A 69 -5.70 13.75 -16.97
C SER A 69 -5.88 14.07 -18.45
N ILE A 70 -5.20 13.31 -19.32
CA ILE A 70 -5.36 13.53 -20.75
C ILE A 70 -6.81 13.31 -21.16
N GLU A 71 -7.43 12.26 -20.64
CA GLU A 71 -8.80 11.90 -21.00
C GLU A 71 -9.77 12.98 -20.56
N GLN A 72 -9.59 13.51 -19.35
CA GLN A 72 -10.48 14.56 -18.87
C GLN A 72 -10.36 15.82 -19.72
N LYS A 73 -9.15 16.15 -20.17
CA LYS A 73 -8.97 17.31 -21.04
C LYS A 73 -9.58 17.07 -22.43
N SER A 74 -9.56 15.82 -22.90
CA SER A 74 -10.14 15.52 -24.21
C SER A 74 -11.66 15.56 -24.18
N ASN A 75 -12.27 15.51 -23.00
CA ASN A 75 -13.72 15.57 -22.85
C ASN A 75 -14.22 16.94 -22.40
N GLU A 76 -13.33 17.93 -22.30
CA GLU A 76 -13.73 19.26 -21.88
C GLU A 76 -14.53 19.93 -22.99
N GLU A 77 -15.04 21.13 -22.69
CA GLU A 77 -15.74 21.93 -23.69
C GLU A 77 -14.75 22.54 -24.67
N GLY A 78 -15.12 22.52 -25.95
CA GLY A 78 -14.26 23.06 -26.99
C GLY A 78 -13.12 22.17 -27.41
N SER A 79 -12.95 21.01 -26.79
CA SER A 79 -11.89 20.09 -27.17
C SER A 79 -12.26 19.37 -28.46
N GLU A 80 -11.22 18.99 -29.22
CA GLU A 80 -11.40 18.28 -30.47
C GLU A 80 -11.49 16.79 -30.20
N GLU A 81 -12.51 16.14 -30.77
CA GLU A 81 -12.70 14.70 -30.58
C GLU A 81 -11.50 13.95 -31.15
N LYS A 82 -10.80 13.21 -30.31
CA LYS A 82 -9.66 12.41 -30.74
C LYS A 82 -9.97 10.92 -30.85
N GLY A 83 -11.23 10.52 -30.63
CA GLY A 83 -11.63 9.14 -30.78
C GLY A 83 -11.63 8.38 -29.47
N PRO A 84 -11.85 7.06 -29.54
CA PRO A 84 -11.91 6.23 -28.32
C PRO A 84 -10.55 5.88 -27.73
N GLU A 85 -9.46 6.30 -28.35
CA GLU A 85 -8.17 5.73 -28.01
C GLU A 85 -7.71 6.08 -26.61
N VAL A 86 -7.93 7.32 -26.17
CA VAL A 86 -7.45 7.71 -24.84
C VAL A 86 -8.18 6.91 -23.77
N ARG A 87 -9.50 6.83 -23.88
CA ARG A 87 -10.26 6.02 -22.92
C ARG A 87 -9.82 4.56 -22.98
N GLU A 88 -9.64 4.02 -24.19
CA GLU A 88 -9.29 2.61 -24.31
C GLU A 88 -7.97 2.35 -23.58
N TYR A 89 -6.97 3.20 -23.80
CA TYR A 89 -5.65 2.93 -23.23
C TYR A 89 -5.66 3.18 -21.72
N ARG A 90 -6.38 4.22 -21.26
CA ARG A 90 -6.59 4.38 -19.83
C ARG A 90 -7.24 3.15 -19.24
N GLU A 91 -8.22 2.58 -19.93
CA GLU A 91 -8.87 1.36 -19.46
C GLU A 91 -7.93 0.17 -19.41
N LYS A 92 -7.04 0.07 -20.39
CA LYS A 92 -6.07 -1.02 -20.43
C LYS A 92 -5.15 -0.95 -19.22
N VAL A 93 -4.59 0.23 -18.95
CA VAL A 93 -3.74 0.40 -17.79
C VAL A 93 -4.54 0.15 -16.51
N GLU A 94 -5.77 0.66 -16.47
CA GLU A 94 -6.62 0.47 -15.29
C GLU A 94 -6.87 -1.01 -15.02
N THR A 95 -7.15 -1.78 -16.07
CA THR A 95 -7.40 -3.21 -15.90
C THR A 95 -6.15 -3.95 -15.43
N GLU A 96 -4.98 -3.55 -15.92
CA GLU A 96 -3.74 -4.17 -15.46
C GLU A 96 -3.49 -3.84 -13.99
N LEU A 97 -3.74 -2.59 -13.60
CA LEU A 97 -3.63 -2.16 -12.20
C LEU A 97 -4.58 -2.96 -11.30
N GLN A 98 -5.83 -3.08 -11.70
CA GLN A 98 -6.80 -3.86 -10.94
C GLN A 98 -6.34 -5.31 -10.82
N GLY A 99 -5.72 -5.82 -11.87
CA GLY A 99 -5.23 -7.18 -11.82
C GLY A 99 -4.12 -7.37 -10.81
N VAL A 100 -3.20 -6.40 -10.72
CA VAL A 100 -2.16 -6.45 -9.69
C VAL A 100 -2.78 -6.40 -8.30
N CYS A 101 -3.75 -5.50 -8.09
CA CYS A 101 -4.40 -5.41 -6.78
C CYS A 101 -5.10 -6.71 -6.44
N ASP A 102 -5.81 -7.29 -7.41
CA ASP A 102 -6.50 -8.57 -7.18
C ASP A 102 -5.51 -9.68 -6.83
N THR A 103 -4.35 -9.66 -7.47
CA THR A 103 -3.31 -10.64 -7.18
C THR A 103 -2.79 -10.50 -5.75
N VAL A 104 -2.45 -9.28 -5.33
CA VAL A 104 -1.97 -9.06 -3.96
C VAL A 104 -3.04 -9.43 -2.94
N LEU A 105 -4.28 -8.94 -3.14
CA LEU A 105 -5.36 -9.30 -2.23
C LEU A 105 -5.54 -10.79 -2.18
N GLY A 106 -5.39 -11.44 -3.33
CA GLY A 106 -5.49 -12.89 -3.35
C GLY A 106 -4.45 -13.58 -2.49
N LEU A 107 -3.21 -13.11 -2.53
CA LEU A 107 -2.17 -13.68 -1.68
C LEU A 107 -2.49 -13.46 -0.22
N LEU A 108 -2.99 -12.26 0.13
CA LEU A 108 -3.35 -11.96 1.52
C LEU A 108 -4.48 -12.86 2.03
N ASP A 109 -5.47 -13.12 1.17
CA ASP A 109 -6.61 -13.93 1.57
C ASP A 109 -6.35 -15.43 1.43
N SER A 110 -5.32 -15.84 0.70
CA SER A 110 -4.98 -17.27 0.50
C SER A 110 -3.46 -17.44 0.57
N HIS A 111 -2.88 -17.47 1.77
CA HIS A 111 -3.58 -17.50 3.04
C HIS A 111 -2.79 -16.74 4.10
N LEU A 112 -2.17 -15.64 3.70
CA LEU A 112 -1.25 -14.96 4.59
C LEU A 112 -1.92 -14.42 5.85
N ILE A 113 -3.06 -13.74 5.71
CA ILE A 113 -3.71 -13.12 6.88
C ILE A 113 -4.15 -14.18 7.89
N LYS A 114 -4.79 -15.26 7.42
CA LYS A 114 -5.37 -16.20 8.38
C LYS A 114 -4.32 -16.92 9.20
N GLU A 115 -3.08 -16.98 8.73
CA GLU A 115 -2.00 -17.59 9.48
C GLU A 115 -1.15 -16.61 10.28
N ALA A 116 -1.46 -15.31 10.21
CA ALA A 116 -0.64 -14.26 10.83
C ALA A 116 -1.21 -13.96 12.21
N GLY A 117 -0.52 -14.43 13.24
CA GLY A 117 -0.96 -14.22 14.62
C GLY A 117 -0.20 -13.18 15.41
N ASP A 118 1.05 -12.95 15.08
CA ASP A 118 1.80 -11.91 15.77
C ASP A 118 1.40 -10.54 15.23
N ALA A 119 1.44 -9.54 16.09
CA ALA A 119 1.02 -8.22 15.65
C ALA A 119 1.85 -7.72 14.46
N GLU A 120 3.16 -7.93 14.47
N GLU A 120 3.16 -7.96 14.48
CA GLU A 120 3.95 -7.34 13.39
CA GLU A 120 4.04 -7.43 13.44
C GLU A 120 3.62 -7.95 12.04
C GLU A 120 3.70 -7.98 12.07
N SER A 121 3.21 -9.21 12.00
CA SER A 121 2.80 -9.79 10.73
C SER A 121 1.35 -9.41 10.40
N ARG A 122 0.43 -9.59 11.36
CA ARG A 122 -0.99 -9.35 11.07
C ARG A 122 -1.27 -7.89 10.71
N VAL A 123 -0.72 -6.95 11.47
CA VAL A 123 -0.89 -5.53 11.15
C VAL A 123 -0.30 -5.21 9.78
N PHE A 124 0.90 -5.75 9.50
CA PHE A 124 1.51 -5.55 8.19
C PHE A 124 0.58 -5.98 7.06
N TYR A 125 0.02 -7.20 7.15
CA TYR A 125 -0.82 -7.72 6.07
C TYR A 125 -2.15 -6.97 5.97
N LEU A 126 -2.74 -6.59 7.11
CA LEU A 126 -4.00 -5.84 7.07
C LEU A 126 -3.79 -4.43 6.52
N LYS A 127 -2.64 -3.82 6.83
CA LYS A 127 -2.29 -2.56 6.15
C LYS A 127 -2.22 -2.76 4.63
N MET A 128 -1.55 -3.82 4.17
CA MET A 128 -1.45 -4.10 2.75
C MET A 128 -2.83 -4.28 2.14
N LYS A 129 -3.72 -4.97 2.86
CA LYS A 129 -5.08 -5.16 2.37
C LYS A 129 -5.77 -3.81 2.21
N GLY A 130 -5.65 -2.93 3.21
CA GLY A 130 -6.20 -1.59 3.08
C GLY A 130 -5.61 -0.82 1.92
N ASP A 131 -4.29 -0.89 1.77
CA ASP A 131 -3.58 -0.19 0.69
C ASP A 131 -4.12 -0.62 -0.67
N TYR A 132 -4.25 -1.95 -0.91
CA TYR A 132 -4.60 -2.42 -2.25
C TYR A 132 -6.08 -2.24 -2.54
N TYR A 133 -6.95 -2.28 -1.51
CA TYR A 133 -8.32 -1.81 -1.71
C TYR A 133 -8.34 -0.31 -1.98
N ARG A 134 -7.46 0.47 -1.34
CA ARG A 134 -7.41 1.90 -1.63
C ARG A 134 -7.02 2.13 -3.09
N TYR A 135 -6.03 1.38 -3.61
CA TYR A 135 -5.68 1.56 -5.03
C TYR A 135 -6.85 1.19 -5.94
N LEU A 136 -7.61 0.14 -5.60
CA LEU A 136 -8.81 -0.14 -6.37
C LEU A 136 -9.79 1.03 -6.28
N ALA A 137 -9.94 1.62 -5.10
CA ALA A 137 -10.88 2.72 -4.90
C ALA A 137 -10.51 3.93 -5.74
N GLU A 138 -9.21 4.18 -5.90
CA GLU A 138 -8.75 5.34 -6.67
C GLU A 138 -9.30 5.32 -8.09
N VAL A 139 -9.54 4.13 -8.65
CA VAL A 139 -9.99 3.97 -10.03
C VAL A 139 -11.43 3.49 -10.13
N ALA A 140 -12.11 3.27 -9.02
CA ALA A 140 -13.45 2.69 -9.05
C ALA A 140 -14.48 3.75 -9.41
N THR A 141 -15.47 3.36 -10.21
CA THR A 141 -16.52 4.31 -10.58
C THR A 141 -17.95 3.77 -10.56
N GLY A 142 -18.17 2.48 -10.35
CA GLY A 142 -19.52 1.93 -10.50
C GLY A 142 -20.26 1.45 -9.25
N ASP A 143 -21.05 0.39 -9.41
CA ASP A 143 -21.94 -0.08 -8.36
C ASP A 143 -21.19 -0.50 -7.09
N ASP A 144 -19.95 -0.96 -7.23
CA ASP A 144 -19.21 -1.50 -6.10
C ASP A 144 -18.23 -0.51 -5.49
N LYS A 145 -18.24 0.75 -5.93
CA LYS A 145 -17.28 1.72 -5.41
C LYS A 145 -17.39 1.87 -3.89
N LYS A 146 -18.61 1.97 -3.37
CA LYS A 146 -18.74 2.15 -1.94
C LYS A 146 -18.26 0.93 -1.17
N ARG A 147 -18.52 -0.29 -1.70
CA ARG A 147 -18.06 -1.50 -1.04
C ARG A 147 -16.55 -1.61 -1.10
N ILE A 148 -15.92 -1.17 -2.19
CA ILE A 148 -14.46 -1.21 -2.27
C ILE A 148 -13.87 -0.26 -1.22
N ILE A 149 -14.42 0.94 -1.11
CA ILE A 149 -13.98 1.90 -0.10
C ILE A 149 -14.12 1.31 1.28
N ASP A 150 -15.24 0.68 1.56
CA ASP A 150 -15.45 0.13 2.88
C ASP A 150 -14.54 -1.05 3.17
N SER A 151 -14.18 -1.83 2.14
CA SER A 151 -13.21 -2.90 2.33
C SER A 151 -11.85 -2.34 2.77
N ALA A 152 -11.40 -1.26 2.13
CA ALA A 152 -10.18 -0.59 2.59
C ALA A 152 -10.32 -0.14 4.03
N ARG A 153 -11.41 0.58 4.33
CA ARG A 153 -11.63 1.11 5.67
C ARG A 153 -11.58 -0.02 6.71
N SER A 154 -12.29 -1.11 6.44
CA SER A 154 -12.40 -2.21 7.39
C SER A 154 -11.04 -2.83 7.69
N ALA A 155 -10.22 -3.01 6.64
CA ALA A 155 -8.90 -3.59 6.84
C ALA A 155 -8.02 -2.66 7.66
N TYR A 156 -8.01 -1.37 7.31
CA TYR A 156 -7.21 -0.40 8.02
C TYR A 156 -7.66 -0.30 9.47
N GLN A 157 -8.99 -0.37 9.71
CA GLN A 157 -9.48 -0.25 11.08
C GLN A 157 -9.06 -1.44 11.94
N GLU A 158 -9.15 -2.65 11.40
CA GLU A 158 -8.70 -3.81 12.16
C GLU A 158 -7.21 -3.72 12.46
N ALA A 159 -6.44 -3.27 11.48
CA ALA A 159 -5.01 -3.09 11.69
C ALA A 159 -4.74 -2.05 12.76
N MET A 160 -5.49 -0.94 12.72
CA MET A 160 -5.32 0.09 13.74
C MET A 160 -5.65 -0.45 15.13
N ASP A 161 -6.75 -1.20 15.23
CA ASP A 161 -7.16 -1.68 16.55
C ASP A 161 -6.09 -2.60 17.15
N ILE A 162 -5.54 -3.52 16.34
CA ILE A 162 -4.46 -4.40 16.82
C ILE A 162 -3.23 -3.58 17.17
N SER A 163 -2.86 -2.64 16.31
CA SER A 163 -1.63 -1.86 16.51
C SER A 163 -1.68 -1.06 17.80
N LYS A 164 -2.85 -0.50 18.14
CA LYS A 164 -2.98 0.29 19.36
C LYS A 164 -2.87 -0.57 20.61
N LYS A 165 -3.29 -1.82 20.52
CA LYS A 165 -3.26 -2.70 21.68
C LYS A 165 -1.92 -3.39 21.83
N GLU A 166 -1.21 -3.64 20.73
CA GLU A 166 -0.07 -4.54 20.73
C GLU A 166 1.25 -3.92 20.35
N MET A 167 1.29 -2.67 19.88
CA MET A 167 2.55 -2.10 19.45
C MET A 167 2.76 -0.75 20.13
N PRO A 168 4.01 -0.36 20.39
CA PRO A 168 4.25 1.00 20.90
C PRO A 168 3.94 2.04 19.83
N PRO A 169 3.65 3.27 20.23
CA PRO A 169 3.27 4.29 19.25
C PRO A 169 4.37 4.68 18.30
N THR A 170 5.62 4.28 18.57
CA THR A 170 6.69 4.55 17.62
C THR A 170 6.97 3.40 16.65
N ASN A 171 6.25 2.27 16.77
CA ASN A 171 6.54 1.13 15.91
CA ASN A 171 6.54 1.13 15.90
C ASN A 171 6.38 1.55 14.45
N PRO A 172 7.39 1.32 13.60
CA PRO A 172 7.29 1.85 12.24
C PRO A 172 6.14 1.29 11.42
N ILE A 173 5.73 0.04 11.66
CA ILE A 173 4.56 -0.50 10.99
C ILE A 173 3.31 0.27 11.41
N ARG A 174 3.16 0.46 12.72
CA ARG A 174 2.04 1.25 13.24
C ARG A 174 2.04 2.66 12.65
N LEU A 175 3.21 3.29 12.58
CA LEU A 175 3.28 4.64 12.03
C LEU A 175 2.90 4.67 10.55
N GLY A 176 3.43 3.75 9.76
CA GLY A 176 3.11 3.73 8.35
C GLY A 176 1.66 3.41 8.07
N LEU A 177 1.08 2.52 8.88
CA LEU A 177 -0.35 2.25 8.81
C LEU A 177 -1.14 3.53 9.01
N ALA A 178 -0.82 4.29 10.07
CA ALA A 178 -1.57 5.51 10.37
C ALA A 178 -1.39 6.55 9.29
N LEU A 179 -0.15 6.68 8.79
CA LEU A 179 0.11 7.58 7.66
C LEU A 179 -0.82 7.27 6.51
N ASN A 180 -0.89 5.99 6.14
CA ASN A 180 -1.66 5.62 4.96
C ASN A 180 -3.16 5.67 5.21
N PHE A 181 -3.62 5.31 6.42
CA PHE A 181 -5.04 5.41 6.73
C PHE A 181 -5.47 6.87 6.71
N SER A 182 -4.60 7.75 7.18
CA SER A 182 -4.84 9.19 7.12
C SER A 182 -5.03 9.64 5.67
N VAL A 183 -4.17 9.17 4.77
CA VAL A 183 -4.31 9.49 3.35
C VAL A 183 -5.61 8.91 2.78
N PHE A 184 -5.97 7.68 3.17
CA PHE A 184 -7.28 7.14 2.81
C PHE A 184 -8.40 8.11 3.21
N HIS A 185 -8.38 8.59 4.45
CA HIS A 185 -9.43 9.50 4.87
C HIS A 185 -9.47 10.74 3.98
N TYR A 186 -8.29 11.30 3.68
CA TYR A 186 -8.22 12.57 2.95
C TYR A 186 -8.65 12.39 1.51
N GLU A 187 -8.10 11.39 0.83
CA GLU A 187 -8.22 11.28 -0.62
C GLU A 187 -9.36 10.38 -1.07
N ILE A 188 -9.76 9.41 -0.27
CA ILE A 188 -10.74 8.41 -0.68
C ILE A 188 -12.09 8.64 0.00
N ALA A 189 -12.08 8.83 1.32
CA ALA A 189 -13.32 8.94 2.09
C ALA A 189 -13.84 10.36 2.18
N ASN A 190 -13.16 11.32 1.59
CA ASN A 190 -13.58 12.72 1.64
C ASN A 190 -13.76 13.19 3.08
N SER A 191 -12.82 12.78 3.94
CA SER A 191 -12.81 13.07 5.38
C SER A 191 -11.51 13.77 5.74
N PRO A 192 -11.27 14.97 5.22
CA PRO A 192 -9.99 15.65 5.52
C PRO A 192 -9.79 15.92 7.00
N GLU A 193 -10.83 16.22 7.75
CA GLU A 193 -10.64 16.48 9.17
C GLU A 193 -10.18 15.23 9.90
N GLU A 194 -10.74 14.06 9.55
CA GLU A 194 -10.29 12.80 10.16
C GLU A 194 -8.84 12.52 9.79
N ALA A 195 -8.48 12.81 8.54
CA ALA A 195 -7.11 12.63 8.08
C ALA A 195 -6.13 13.46 8.90
N ILE A 196 -6.46 14.73 9.11
CA ILE A 196 -5.60 15.66 9.83
C ILE A 196 -5.52 15.26 11.30
N SER A 197 -6.64 14.92 11.92
CA SER A 197 -6.63 14.51 13.33
C SER A 197 -5.78 13.26 13.52
N LEU A 198 -5.96 12.26 12.65
CA LEU A 198 -5.17 11.05 12.78
C LEU A 198 -3.69 11.32 12.62
N ALA A 199 -3.30 12.13 11.63
CA ALA A 199 -1.87 12.40 11.45
C ALA A 199 -1.28 13.12 12.66
N LYS A 200 -2.01 14.10 13.20
CA LYS A 200 -1.52 14.86 14.36
C LYS A 200 -1.40 13.98 15.60
N THR A 201 -2.44 13.24 15.91
CA THR A 201 -2.42 12.39 17.10
C THR A 201 -1.32 11.33 16.98
N THR A 202 -1.15 10.75 15.80
CA THR A 202 -0.11 9.74 15.58
C THR A 202 1.27 10.35 15.81
N PHE A 203 1.50 11.54 15.26
CA PHE A 203 2.79 12.21 15.40
C PHE A 203 3.07 12.50 16.86
N ASP A 204 2.08 13.06 17.57
CA ASP A 204 2.30 13.47 18.96
C ASP A 204 2.53 12.27 19.88
N GLU A 205 1.79 11.18 19.67
CA GLU A 205 1.98 10.01 20.52
C GLU A 205 3.32 9.35 20.23
N ALA A 206 3.78 9.39 18.97
CA ALA A 206 5.10 8.89 18.65
C ALA A 206 6.18 9.74 19.31
N MET A 207 6.06 11.06 19.19
CA MET A 207 7.05 11.97 19.78
C MET A 207 7.28 11.65 21.25
N ALA A 208 6.20 11.44 22.00
CA ALA A 208 6.26 11.18 23.42
C ALA A 208 6.88 9.83 23.77
N ASP A 209 7.07 8.95 22.81
CA ASP A 209 7.61 7.61 23.04
C ASP A 209 9.01 7.46 22.49
N LEU A 210 9.55 8.48 21.81
CA LEU A 210 10.88 8.39 21.24
C LEU A 210 11.95 8.17 22.30
N HIS A 211 11.72 8.67 23.52
CA HIS A 211 12.72 8.58 24.59
C HIS A 211 13.06 7.16 24.96
N THR A 212 12.23 6.18 24.57
CA THR A 212 12.41 4.79 24.95
C THR A 212 13.32 4.06 23.98
N LEU A 213 13.69 4.68 22.87
CA LEU A 213 14.27 4.00 21.71
C LEU A 213 15.79 4.12 21.65
N SER A 214 16.39 3.13 21.00
CA SER A 214 17.78 3.21 20.62
C SER A 214 17.95 4.20 19.48
N GLU A 215 19.21 4.49 19.17
CA GLU A 215 19.51 5.41 18.06
C GLU A 215 18.96 4.87 16.74
N ASP A 216 19.11 3.58 16.49
CA ASP A 216 18.64 3.02 15.22
C ASP A 216 17.12 3.00 15.15
N SER A 217 16.44 2.64 16.25
CA SER A 217 14.98 2.67 16.24
C SER A 217 14.48 4.10 16.09
N TYR A 218 15.15 5.04 16.75
CA TYR A 218 14.80 6.46 16.62
C TYR A 218 14.84 6.91 15.17
N LYS A 219 15.88 6.50 14.44
CA LYS A 219 15.96 6.90 13.04
C LYS A 219 14.78 6.34 12.24
N ASP A 220 14.43 5.07 12.46
CA ASP A 220 13.33 4.47 11.72
C ASP A 220 12.01 5.19 12.00
N SER A 221 11.77 5.50 13.26
CA SER A 221 10.50 6.11 13.63
C SER A 221 10.42 7.56 13.16
N THR A 222 11.49 8.33 13.36
CA THR A 222 11.43 9.74 12.97
C THR A 222 11.30 9.90 11.47
N LEU A 223 11.80 8.95 10.68
CA LEU A 223 11.63 9.06 9.23
C LEU A 223 10.15 9.10 8.87
N ILE A 224 9.36 8.21 9.46
CA ILE A 224 7.93 8.18 9.14
C ILE A 224 7.21 9.35 9.78
N MET A 225 7.64 9.78 10.97
CA MET A 225 7.04 10.93 11.59
C MET A 225 7.18 12.17 10.71
N GLN A 226 8.33 12.29 10.01
CA GLN A 226 8.49 13.42 9.10
C GLN A 226 7.48 13.38 7.95
N LEU A 227 7.12 12.18 7.47
CA LEU A 227 6.08 12.07 6.44
C LEU A 227 4.71 12.52 6.95
N LEU A 228 4.38 12.16 8.19
CA LEU A 228 3.15 12.66 8.80
C LEU A 228 3.15 14.18 8.82
N ARG A 229 4.27 14.78 9.21
CA ARG A 229 4.36 16.24 9.25
C ARG A 229 4.29 16.82 7.85
N ASP A 230 4.93 16.17 6.88
CA ASP A 230 4.84 16.66 5.50
C ASP A 230 3.39 16.71 5.03
N ASN A 231 2.63 15.65 5.32
CA ASN A 231 1.23 15.65 4.92
C ASN A 231 0.45 16.72 5.66
N LEU A 232 0.67 16.87 6.97
CA LEU A 232 -0.02 17.93 7.71
C LEU A 232 0.27 19.30 7.12
N THR A 233 1.52 19.52 6.67
CA THR A 233 1.86 20.79 6.04
C THR A 233 1.13 20.97 4.70
N LEU A 234 0.98 19.89 3.94
CA LEU A 234 0.24 19.96 2.70
C LEU A 234 -1.22 20.29 2.92
N TRP A 235 -1.78 19.87 4.05
CA TRP A 235 -3.21 19.90 4.25
C TRP A 235 -3.69 21.07 5.11
N THR A 236 -2.78 21.82 5.71
CA THR A 236 -3.17 22.91 6.60
C THR A 236 -2.44 24.21 6.23
N PHE B 1 0.82 14.82 -4.62
CA PHE B 1 0.21 13.73 -3.84
C PHE B 1 0.80 13.63 -2.45
N PRO B 2 0.01 13.18 -1.48
CA PRO B 2 0.52 13.02 -0.12
C PRO B 2 1.39 11.77 0.02
N ALA B 3 2.19 11.77 1.07
CA ALA B 3 3.11 10.68 1.33
C ALA B 3 2.42 9.45 1.93
N TPO B 4 2.75 8.29 1.36
CA TPO B 4 2.37 6.97 1.90
CB TPO B 4 1.19 6.34 1.11
CG2 TPO B 4 -0.10 7.14 1.26
OG1 TPO B 4 1.63 6.31 -0.26
P TPO B 4 0.78 5.51 -1.37
O1P TPO B 4 1.84 5.37 -2.56
O2P TPO B 4 -0.37 6.34 -1.76
O3P TPO B 4 0.34 4.14 -0.78
C TPO B 4 3.59 6.06 1.86
O TPO B 4 4.55 6.33 1.09
N VAL B 5 3.58 4.99 2.65
CA VAL B 5 4.69 4.05 2.64
C VAL B 5 4.25 2.62 2.44
MG MG C . -9.39 8.49 16.99
MG MG D . 11.61 -27.08 -1.26
MG MG E . -12.61 -0.06 -16.07
C TG9 F . 14.56 -4.67 1.47
N TG9 F . 14.03 -3.64 0.78
C1 TG9 F . 14.30 -4.67 2.89
C10 TG9 F . 13.45 -4.22 5.20
C11 TG9 F . 11.89 -2.67 6.36
C12 TG9 F . 11.26 -2.61 7.74
C13 TG9 F . 12.27 -2.15 8.80
C14 TG9 F . 12.86 -0.82 8.42
C15 TG9 F . 13.51 -0.89 7.06
C16 TG9 F . 12.52 -1.34 5.99
C2 TG9 F . 14.83 -5.52 3.83
C3 TG9 F . 14.35 -5.29 5.14
C4 TG9 F . 14.77 -6.12 6.31
C5 TG9 F . 16.03 -6.71 6.34
C6 TG9 F . 16.39 -7.54 7.39
C7 TG9 F . 15.51 -7.78 8.41
C8 TG9 F . 14.26 -7.21 8.39
C9 TG9 F . 13.89 -6.38 7.35
N1 TG9 F . 12.86 -3.77 6.30
N2 TG9 F . 15.24 -5.54 0.82
S TG9 F . 13.21 -3.53 3.63
H TG9 F . 14.16 -3.55 -0.22
H9 TG9 F . 11.12 -2.87 5.62
H11 TG9 F . 10.39 -1.94 7.74
H10 TG9 F . 10.85 -3.57 8.02
H12 TG9 F . 11.80 -2.10 9.77
H13 TG9 F . 13.06 -2.90 8.91
H15 TG9 F . 12.10 -0.04 8.44
H14 TG9 F . 13.59 -0.50 9.17
H16 TG9 F . 14.37 -1.56 7.08
H17 TG9 F . 13.93 0.08 6.79
H18 TG9 F . 13.02 -1.40 5.03
H19 TG9 F . 11.76 -0.57 5.86
H2 TG9 F . 15.55 -6.31 3.60
H3 TG9 F . 16.73 -6.50 5.52
H4 TG9 F . 17.39 -7.99 7.40
H5 TG9 F . 15.80 -8.44 9.23
H6 TG9 F . 13.56 -7.40 9.20
H7 TG9 F . 12.90 -5.92 7.34
H8 TG9 F . 13.11 -4.22 7.18
H20 TG9 F . 15.32 -5.38 -0.18
H1 TG9 F . 13.49 -2.92 1.25
#